data_7ZBF
#
_entry.id   7ZBF
#
_cell.length_a   78.932
_cell.length_b   78.932
_cell.length_c   117.780
_cell.angle_alpha   90.000
_cell.angle_beta   90.000
_cell.angle_gamma   120.000
#
_symmetry.space_group_name_H-M   'P 31 2 1'
#
loop_
_entity.id
_entity.type
_entity.pdbx_description
1 polymer 'Iripin-4 serpin'
2 non-polymer 'NICKEL (II) ION'
3 water water
#
_entity_poly.entity_id   1
_entity_poly.type   'polypeptide(L)'
_entity_poly.pdbx_seq_one_letter_code
;LHEDRLTLANNRFAISLLHNLPTSTETNIFFSPYSISVALGMAFAGARGETREDLFQGFGYPRSDIDDDAVLEAYASQTR
RLKSLRSNSTLDAAIGAAIHERISLLSSFEDVLNNSFGADILKVDFINGGQAAVDVINGWVHRKTRGKINLLFGEPLETI
IRLVLLNAIYFKGTWDTVFDQRLTTKKPFMNACSTPTEVDTMRGEVYVRHKSFPLLGVDIAEIPYRGMDYSMTILLPTRI
DGAEVLKRNITEHLLQDLVKQLVEQQVTVYLPKFKLETEYLLKDHLKKLGINRIFGSGADFSGITHDANLAVSDVVHKTV
LEVHEAGTEAAGATGVIIVAESLVESVEFRVDHPFIFFIRNTQTKDILFVGQVNHL
;
_entity_poly.pdbx_strand_id   A
#
# COMPACT_ATOMS: atom_id res chain seq x y z
N LEU A 1 -6.92 -4.24 -22.73
CA LEU A 1 -7.77 -3.00 -22.75
C LEU A 1 -8.47 -2.89 -21.39
N HIS A 2 -9.10 -1.74 -21.10
CA HIS A 2 -9.90 -1.49 -19.87
C HIS A 2 -9.05 -1.87 -18.64
N GLU A 3 -7.81 -1.34 -18.59
CA GLU A 3 -6.81 -1.56 -17.50
C GLU A 3 -7.29 -0.81 -16.25
N ASP A 4 -7.96 0.33 -16.48
CA ASP A 4 -8.72 1.12 -15.48
C ASP A 4 -9.54 0.19 -14.58
N ARG A 5 -9.97 -0.98 -15.06
CA ARG A 5 -10.98 -1.80 -14.35
C ARG A 5 -10.40 -2.40 -13.06
N LEU A 6 -9.28 -3.10 -13.13
CA LEU A 6 -8.64 -3.67 -11.90
C LEU A 6 -8.13 -2.54 -11.01
N THR A 7 -7.70 -1.43 -11.60
CA THR A 7 -7.21 -0.24 -10.85
C THR A 7 -8.35 0.34 -10.00
N LEU A 8 -9.53 0.47 -10.60
CA LEU A 8 -10.74 0.97 -9.88
C LEU A 8 -11.10 0.01 -8.76
N ALA A 9 -11.10 -1.30 -9.04
CA ALA A 9 -11.42 -2.33 -8.03
C ALA A 9 -10.43 -2.23 -6.86
N ASN A 10 -9.14 -2.08 -7.19
CA ASN A 10 -8.06 -2.02 -6.18
C ASN A 10 -8.22 -0.73 -5.37
N ASN A 11 -8.47 0.39 -6.04
CA ASN A 11 -8.59 1.73 -5.38
C ASN A 11 -9.86 1.77 -4.54
N ARG A 12 -10.96 1.16 -5.00
CA ARG A 12 -12.18 1.06 -4.16
C ARG A 12 -11.84 0.22 -2.92
N PHE A 13 -11.14 -0.89 -3.14
CA PHE A 13 -10.70 -1.77 -2.03
C PHE A 13 -9.83 -0.98 -1.06
N ALA A 14 -8.91 -0.16 -1.59
CA ALA A 14 -8.03 0.70 -0.77
C ALA A 14 -8.87 1.50 0.24
N ILE A 15 -9.93 2.16 -0.22
CA ILE A 15 -10.77 3.09 0.59
C ILE A 15 -11.61 2.27 1.58
N SER A 16 -12.28 1.21 1.13
CA SER A 16 -12.95 0.26 2.05
C SER A 16 -12.02 -0.07 3.21
N LEU A 17 -10.81 -0.57 2.91
CA LEU A 17 -9.84 -1.04 3.93
C LEU A 17 -9.47 0.12 4.85
N LEU A 18 -9.13 1.29 4.29
CA LEU A 18 -8.82 2.51 5.09
C LEU A 18 -9.98 2.83 6.05
N HIS A 19 -11.23 2.78 5.58
CA HIS A 19 -12.45 3.02 6.42
C HIS A 19 -12.47 2.05 7.61
N ASN A 20 -12.15 0.76 7.41
CA ASN A 20 -12.37 -0.34 8.39
C ASN A 20 -11.14 -0.63 9.28
N LEU A 21 -9.91 -0.31 8.87
CA LEU A 21 -8.72 -0.65 9.70
C LEU A 21 -8.79 0.06 11.04
N PRO A 22 -8.31 -0.59 12.14
CA PRO A 22 -8.25 0.02 13.46
C PRO A 22 -7.49 1.35 13.48
N THR A 23 -8.06 2.35 14.16
CA THR A 23 -7.46 3.70 14.29
C THR A 23 -7.45 4.07 15.76
N SER A 24 -6.46 4.86 16.16
CA SER A 24 -6.42 5.56 17.46
C SER A 24 -5.58 6.83 17.31
N THR A 25 -5.61 7.69 18.32
CA THR A 25 -4.78 8.90 18.40
C THR A 25 -3.29 8.52 18.38
N GLU A 26 -2.94 7.28 18.78
CA GLU A 26 -1.54 6.81 18.99
C GLU A 26 -1.05 5.95 17.82
N THR A 27 -1.95 5.49 16.94
CA THR A 27 -1.65 4.50 15.88
C THR A 27 -1.76 5.19 14.50
N ASN A 28 -0.78 4.91 13.65
CA ASN A 28 -0.71 5.33 12.23
C ASN A 28 -1.09 4.15 11.38
N ILE A 29 -1.64 4.42 10.20
CA ILE A 29 -2.08 3.42 9.19
C ILE A 29 -1.15 3.53 7.98
N PHE A 30 -0.73 2.39 7.44
CA PHE A 30 0.12 2.36 6.23
C PHE A 30 0.06 0.98 5.61
N PHE A 31 -0.42 0.89 4.37
CA PHE A 31 -0.66 -0.38 3.66
C PHE A 31 -0.61 -0.14 2.16
N SER A 32 -0.35 -1.22 1.43
CA SER A 32 -0.40 -1.26 -0.04
C SER A 32 -1.66 -2.01 -0.45
N PRO A 33 -2.72 -1.31 -0.92
CA PRO A 33 -3.87 -2.00 -1.51
C PRO A 33 -3.46 -2.82 -2.73
N TYR A 34 -2.41 -2.39 -3.42
CA TYR A 34 -1.87 -3.08 -4.63
C TYR A 34 -1.35 -4.47 -4.24
N SER A 35 -0.47 -4.55 -3.24
CA SER A 35 0.17 -5.82 -2.81
C SER A 35 -0.89 -6.69 -2.13
N ILE A 36 -1.79 -6.10 -1.33
CA ILE A 36 -2.85 -6.92 -0.67
C ILE A 36 -3.75 -7.52 -1.75
N SER A 37 -4.14 -6.72 -2.74
CA SER A 37 -4.96 -7.18 -3.89
C SER A 37 -4.27 -8.33 -4.64
N VAL A 38 -2.95 -8.23 -4.92
CA VAL A 38 -2.21 -9.32 -5.62
C VAL A 38 -2.33 -10.57 -4.75
N ALA A 39 -2.20 -10.42 -3.44
CA ALA A 39 -2.34 -11.53 -2.48
C ALA A 39 -3.75 -12.12 -2.59
N LEU A 40 -4.80 -11.32 -2.72
CA LEU A 40 -6.16 -11.90 -2.85
C LEU A 40 -6.32 -12.53 -4.24
N GLY A 41 -5.58 -12.08 -5.24
CA GLY A 41 -5.52 -12.79 -6.54
C GLY A 41 -4.95 -14.21 -6.41
N MET A 42 -3.94 -14.41 -5.57
CA MET A 42 -3.36 -15.75 -5.35
C MET A 42 -4.47 -16.68 -4.84
N ALA A 43 -5.25 -16.22 -3.84
CA ALA A 43 -6.43 -16.92 -3.26
C ALA A 43 -7.46 -17.24 -4.36
N PHE A 44 -7.77 -16.25 -5.20
CA PHE A 44 -8.71 -16.39 -6.33
C PHE A 44 -8.22 -17.46 -7.32
N ALA A 45 -6.90 -17.57 -7.49
CA ALA A 45 -6.30 -18.52 -8.47
C ALA A 45 -6.55 -19.96 -8.01
N GLY A 46 -6.65 -20.16 -6.70
CA GLY A 46 -6.68 -21.47 -6.04
C GLY A 46 -8.09 -21.94 -5.72
N ALA A 47 -8.99 -21.01 -5.38
CA ALA A 47 -10.39 -21.30 -4.99
C ALA A 47 -11.21 -21.67 -6.23
N ARG A 48 -12.24 -22.50 -6.02
CA ARG A 48 -13.24 -22.85 -7.07
C ARG A 48 -14.66 -22.72 -6.49
N GLY A 49 -15.66 -22.73 -7.37
CA GLY A 49 -17.10 -22.76 -7.02
C GLY A 49 -17.48 -21.59 -6.13
N GLU A 50 -18.16 -21.89 -5.01
CA GLU A 50 -18.78 -20.86 -4.12
C GLU A 50 -17.70 -20.19 -3.28
N THR A 51 -16.56 -20.84 -3.08
CA THR A 51 -15.40 -20.24 -2.35
C THR A 51 -14.85 -19.09 -3.19
N ARG A 52 -14.75 -19.28 -4.51
CA ARG A 52 -14.22 -18.29 -5.47
C ARG A 52 -15.25 -17.19 -5.72
N GLU A 53 -16.51 -17.56 -6.00
CA GLU A 53 -17.64 -16.60 -6.17
C GLU A 53 -17.74 -15.68 -4.94
N ASP A 54 -17.61 -16.21 -3.72
CA ASP A 54 -17.69 -15.41 -2.48
C ASP A 54 -16.57 -14.34 -2.45
N LEU A 55 -15.34 -14.70 -2.87
CA LEU A 55 -14.17 -13.77 -2.86
C LEU A 55 -14.40 -12.73 -3.95
N PHE A 56 -14.76 -13.21 -5.14
CA PHE A 56 -15.13 -12.40 -6.33
C PHE A 56 -16.06 -11.25 -5.92
N GLN A 57 -17.20 -11.58 -5.28
CA GLN A 57 -18.21 -10.62 -4.76
C GLN A 57 -17.59 -9.73 -3.67
N GLY A 58 -16.92 -10.32 -2.69
CA GLY A 58 -16.49 -9.60 -1.47
C GLY A 58 -15.43 -8.54 -1.78
N PHE A 59 -14.62 -8.75 -2.81
CA PHE A 59 -13.51 -7.83 -3.17
C PHE A 59 -14.08 -6.76 -4.10
N GLY A 60 -14.97 -7.20 -4.99
CA GLY A 60 -15.92 -6.33 -5.70
C GLY A 60 -15.56 -6.20 -7.15
N TYR A 61 -14.77 -7.12 -7.70
CA TYR A 61 -14.41 -7.19 -9.15
C TYR A 61 -15.64 -6.90 -10.01
N PRO A 62 -16.84 -7.48 -9.73
CA PRO A 62 -17.98 -7.30 -10.63
C PRO A 62 -18.47 -5.84 -10.59
N ARG A 63 -18.39 -5.18 -9.44
CA ARG A 63 -18.73 -3.74 -9.32
C ARG A 63 -17.85 -2.87 -10.25
N SER A 64 -16.67 -3.34 -10.70
CA SER A 64 -15.73 -2.60 -11.60
C SER A 64 -15.71 -3.24 -13.00
N ASP A 65 -16.72 -4.06 -13.30
CA ASP A 65 -17.04 -4.57 -14.66
C ASP A 65 -16.03 -5.64 -15.10
N ILE A 66 -15.54 -6.44 -14.14
CA ILE A 66 -14.61 -7.57 -14.38
C ILE A 66 -15.36 -8.87 -14.15
N ASP A 67 -15.62 -9.64 -15.22
CA ASP A 67 -16.15 -11.02 -15.10
C ASP A 67 -15.06 -11.90 -14.48
N ASP A 68 -15.49 -12.93 -13.74
CA ASP A 68 -14.60 -13.79 -12.92
C ASP A 68 -13.63 -14.52 -13.86
N ASP A 69 -14.08 -14.87 -15.06
CA ASP A 69 -13.22 -15.49 -16.11
C ASP A 69 -12.21 -14.45 -16.64
N ALA A 70 -12.16 -13.24 -16.08
CA ALA A 70 -11.26 -12.18 -16.59
C ALA A 70 -10.34 -11.67 -15.48
N VAL A 71 -10.51 -12.13 -14.24
CA VAL A 71 -9.75 -11.64 -13.05
C VAL A 71 -8.26 -11.93 -13.25
N LEU A 72 -7.88 -13.20 -13.45
CA LEU A 72 -6.48 -13.67 -13.50
C LEU A 72 -5.74 -12.93 -14.61
N GLU A 73 -6.39 -12.74 -15.75
CA GLU A 73 -5.78 -12.07 -16.92
C GLU A 73 -5.65 -10.55 -16.67
N ALA A 74 -6.55 -9.93 -15.89
CA ALA A 74 -6.46 -8.50 -15.53
C ALA A 74 -5.24 -8.30 -14.59
N TYR A 75 -4.98 -9.26 -13.71
CA TYR A 75 -3.81 -9.23 -12.81
C TYR A 75 -2.55 -9.34 -13.68
N ALA A 76 -2.56 -10.26 -14.66
CA ALA A 76 -1.43 -10.52 -15.57
C ALA A 76 -1.06 -9.24 -16.30
N SER A 77 -2.05 -8.51 -16.83
CA SER A 77 -1.82 -7.27 -17.61
C SER A 77 -1.34 -6.15 -16.66
N GLN A 78 -1.91 -6.04 -15.47
CA GLN A 78 -1.48 -5.01 -14.49
C GLN A 78 -0.04 -5.31 -14.06
N THR A 79 0.29 -6.58 -13.88
CA THR A 79 1.63 -7.07 -13.47
C THR A 79 2.65 -6.64 -14.53
N ARG A 80 2.45 -7.01 -15.79
CA ARG A 80 3.38 -6.68 -16.90
C ARG A 80 3.51 -5.16 -17.05
N ARG A 81 2.45 -4.41 -16.79
CA ARG A 81 2.44 -2.96 -17.06
C ARG A 81 3.31 -2.22 -16.05
N LEU A 82 3.23 -2.56 -14.76
CA LEU A 82 3.94 -1.84 -13.67
C LEU A 82 5.46 -2.05 -13.77
N LYS A 83 5.92 -3.22 -14.25
CA LYS A 83 7.34 -3.62 -14.25
C LYS A 83 7.90 -3.64 -15.68
N SER A 84 7.27 -2.96 -16.64
CA SER A 84 7.73 -2.91 -18.05
C SER A 84 7.70 -1.47 -18.58
N LEU A 85 6.92 -0.59 -17.98
CA LEU A 85 7.10 0.87 -18.14
C LEU A 85 8.36 1.27 -17.35
N ARG A 86 9.43 1.67 -18.04
CA ARG A 86 10.70 2.07 -17.38
C ARG A 86 10.41 3.28 -16.51
N SER A 87 11.09 3.41 -15.36
CA SER A 87 10.75 4.41 -14.33
C SER A 87 11.97 4.71 -13.46
N ASN A 88 12.07 5.94 -12.97
CA ASN A 88 13.03 6.35 -11.91
C ASN A 88 12.65 5.73 -10.56
N SER A 89 11.36 5.47 -10.35
CA SER A 89 10.84 4.88 -9.10
C SER A 89 10.78 3.35 -9.23
N THR A 90 11.06 2.60 -8.17
CA THR A 90 10.99 1.12 -8.18
C THR A 90 10.10 0.61 -7.04
N LEU A 91 9.48 -0.56 -7.27
CA LEU A 91 8.73 -1.36 -6.29
C LEU A 91 9.47 -2.68 -6.14
N ASP A 92 9.92 -3.00 -4.92
CA ASP A 92 10.44 -4.34 -4.54
C ASP A 92 9.37 -5.02 -3.70
N ALA A 93 8.78 -6.07 -4.27
CA ALA A 93 7.62 -6.81 -3.74
C ALA A 93 8.05 -8.22 -3.30
N ALA A 94 7.61 -8.65 -2.13
CA ALA A 94 7.64 -10.05 -1.64
C ALA A 94 6.18 -10.51 -1.57
N ILE A 95 5.77 -11.24 -2.59
CA ILE A 95 4.41 -11.79 -2.75
C ILE A 95 4.55 -13.29 -2.88
N GLY A 96 4.05 -14.06 -1.91
CA GLY A 96 4.07 -15.53 -2.03
C GLY A 96 3.00 -16.22 -1.19
N ALA A 97 2.68 -17.44 -1.60
CA ALA A 97 1.90 -18.43 -0.82
C ALA A 97 2.87 -19.40 -0.16
N ALA A 98 2.92 -19.39 1.16
CA ALA A 98 3.61 -20.40 1.97
C ALA A 98 2.60 -21.52 2.28
N ILE A 99 2.89 -22.72 1.74
CA ILE A 99 2.03 -23.94 1.71
C ILE A 99 2.83 -25.06 2.35
N HIS A 100 2.21 -25.83 3.26
CA HIS A 100 2.79 -27.08 3.83
C HIS A 100 3.38 -27.91 2.69
N GLU A 101 4.64 -28.34 2.84
CA GLU A 101 5.47 -28.93 1.75
C GLU A 101 4.89 -30.26 1.26
N ARG A 102 4.03 -30.89 2.07
CA ARG A 102 3.49 -32.26 1.84
C ARG A 102 2.09 -32.18 1.19
N ILE A 103 1.60 -30.98 0.89
CA ILE A 103 0.46 -30.79 -0.04
C ILE A 103 1.02 -30.82 -1.46
N SER A 104 0.58 -31.79 -2.26
CA SER A 104 0.81 -31.85 -3.72
C SER A 104 0.19 -30.62 -4.38
N LEU A 105 0.94 -29.91 -5.22
CA LEU A 105 0.48 -28.65 -5.86
C LEU A 105 0.20 -28.94 -7.32
N LEU A 106 -1.00 -28.54 -7.80
CA LEU A 106 -1.37 -28.56 -9.24
C LEU A 106 -0.44 -27.61 -10.00
N SER A 107 0.06 -28.03 -11.16
CA SER A 107 1.02 -27.25 -11.98
C SER A 107 0.37 -25.93 -12.42
N SER A 108 -0.94 -25.93 -12.68
CA SER A 108 -1.69 -24.75 -13.18
C SER A 108 -1.60 -23.58 -12.18
N PHE A 109 -1.69 -23.88 -10.88
CA PHE A 109 -1.57 -22.90 -9.77
C PHE A 109 -0.18 -22.28 -9.82
N GLU A 110 0.86 -23.11 -9.93
CA GLU A 110 2.27 -22.66 -10.09
C GLU A 110 2.34 -21.69 -11.28
N ASP A 111 1.78 -22.05 -12.43
CA ASP A 111 1.87 -21.27 -13.71
C ASP A 111 1.16 -19.92 -13.55
N VAL A 112 -0.04 -19.93 -12.96
CA VAL A 112 -0.88 -18.72 -12.73
C VAL A 112 -0.17 -17.80 -11.72
N LEU A 113 0.34 -18.32 -10.62
CA LEU A 113 1.06 -17.49 -9.62
C LEU A 113 2.24 -16.79 -10.31
N ASN A 114 2.90 -17.48 -11.24
CA ASN A 114 4.04 -16.91 -12.01
C ASN A 114 3.53 -15.80 -12.92
N ASN A 115 2.67 -16.12 -13.89
CA ASN A 115 2.33 -15.21 -15.01
C ASN A 115 1.36 -14.12 -14.53
N SER A 116 0.40 -14.44 -13.67
CA SER A 116 -0.61 -13.47 -13.19
C SER A 116 0.03 -12.50 -12.18
N PHE A 117 0.85 -13.00 -11.26
CA PHE A 117 1.16 -12.31 -9.99
C PHE A 117 2.66 -12.06 -9.75
N GLY A 118 3.56 -12.63 -10.55
CA GLY A 118 5.00 -12.70 -10.19
C GLY A 118 5.18 -13.14 -8.75
N ALA A 119 4.33 -14.07 -8.28
CA ALA A 119 4.35 -14.61 -6.90
C ALA A 119 5.20 -15.90 -6.82
N ASP A 120 5.83 -16.09 -5.67
CA ASP A 120 6.65 -17.26 -5.31
C ASP A 120 5.80 -18.21 -4.46
N ILE A 121 6.15 -19.49 -4.46
CA ILE A 121 5.51 -20.51 -3.57
C ILE A 121 6.60 -21.10 -2.65
N LEU A 122 6.46 -20.87 -1.35
CA LEU A 122 7.37 -21.33 -0.28
C LEU A 122 6.79 -22.62 0.32
N LYS A 123 7.22 -23.78 -0.18
CA LYS A 123 6.86 -25.10 0.42
C LYS A 123 7.65 -25.24 1.74
N VAL A 124 7.00 -25.19 2.89
CA VAL A 124 7.66 -25.31 4.22
C VAL A 124 6.92 -26.35 5.05
N ASP A 125 7.58 -26.93 6.05
CA ASP A 125 6.99 -27.96 6.95
C ASP A 125 6.39 -27.21 8.14
N PHE A 126 5.09 -26.89 8.10
CA PHE A 126 4.40 -26.14 9.18
C PHE A 126 4.16 -27.03 10.42
N ILE A 127 4.24 -28.36 10.29
CA ILE A 127 4.00 -29.29 11.43
C ILE A 127 5.31 -29.44 12.24
N ASN A 128 6.38 -29.94 11.63
CA ASN A 128 7.63 -30.36 12.35
C ASN A 128 8.76 -29.33 12.19
N GLY A 129 8.82 -28.60 11.06
CA GLY A 129 9.87 -27.60 10.78
C GLY A 129 9.45 -26.19 11.15
N GLY A 130 8.92 -26.01 12.37
CA GLY A 130 8.32 -24.76 12.88
C GLY A 130 9.24 -23.54 12.70
N GLN A 131 10.45 -23.60 13.25
CA GLN A 131 11.40 -22.45 13.26
C GLN A 131 12.15 -22.35 11.91
N ALA A 132 12.33 -23.47 11.21
CA ALA A 132 12.99 -23.54 9.89
C ALA A 132 12.11 -22.83 8.85
N ALA A 133 10.79 -22.94 9.01
CA ALA A 133 9.79 -22.40 8.06
C ALA A 133 9.86 -20.87 8.12
N VAL A 134 9.75 -20.30 9.31
CA VAL A 134 9.79 -18.83 9.52
C VAL A 134 11.19 -18.33 9.15
N ASP A 135 12.24 -19.11 9.40
CA ASP A 135 13.62 -18.74 9.02
C ASP A 135 13.69 -18.60 7.50
N VAL A 136 13.09 -19.54 6.78
CA VAL A 136 13.05 -19.53 5.29
C VAL A 136 12.22 -18.33 4.83
N ILE A 137 11.00 -18.15 5.36
CA ILE A 137 10.08 -17.05 4.93
C ILE A 137 10.78 -15.70 5.16
N ASN A 138 11.38 -15.53 6.33
CA ASN A 138 11.99 -14.25 6.78
C ASN A 138 13.21 -13.95 5.90
N GLY A 139 13.98 -14.97 5.53
CA GLY A 139 15.12 -14.83 4.60
C GLY A 139 14.61 -14.41 3.24
N TRP A 140 13.49 -14.99 2.82
CA TRP A 140 12.85 -14.70 1.52
C TRP A 140 12.40 -13.22 1.50
N VAL A 141 11.65 -12.74 2.49
CA VAL A 141 11.18 -11.33 2.47
C VAL A 141 12.41 -10.41 2.52
N HIS A 142 13.41 -10.72 3.34
CA HIS A 142 14.68 -9.95 3.46
C HIS A 142 15.31 -9.74 2.07
N ARG A 143 15.48 -10.80 1.29
CA ARG A 143 16.14 -10.72 -0.04
C ARG A 143 15.21 -10.07 -1.07
N LYS A 144 13.93 -10.41 -1.06
CA LYS A 144 12.97 -9.86 -2.05
C LYS A 144 12.86 -8.35 -1.86
N THR A 145 12.96 -7.82 -0.64
CA THR A 145 12.79 -6.36 -0.43
C THR A 145 14.15 -5.67 -0.28
N ARG A 146 15.25 -6.39 -0.56
CA ARG A 146 16.65 -5.89 -0.52
C ARG A 146 16.95 -5.26 0.83
N GLY A 147 16.54 -5.94 1.92
CA GLY A 147 16.84 -5.53 3.32
C GLY A 147 15.94 -4.43 3.86
N LYS A 148 14.84 -4.06 3.21
CA LYS A 148 13.91 -3.06 3.80
C LYS A 148 12.93 -3.74 4.78
N ILE A 149 12.46 -4.94 4.46
CA ILE A 149 11.52 -5.72 5.31
C ILE A 149 12.13 -7.08 5.59
N ASN A 150 12.44 -7.35 6.86
CA ASN A 150 13.39 -8.44 7.25
C ASN A 150 12.73 -9.55 8.05
N LEU A 151 11.52 -9.35 8.56
CA LEU A 151 10.73 -10.37 9.29
C LEU A 151 9.26 -10.28 8.88
N LEU A 152 8.61 -11.41 8.67
CA LEU A 152 7.14 -11.50 8.60
C LEU A 152 6.60 -12.16 9.87
N PHE A 153 7.45 -12.92 10.58
CA PHE A 153 7.06 -13.78 11.73
C PHE A 153 8.23 -13.85 12.71
N GLY A 154 8.02 -13.39 13.96
CA GLY A 154 9.00 -13.45 15.06
C GLY A 154 8.99 -14.80 15.79
N GLU A 155 8.02 -15.66 15.53
CA GLU A 155 7.81 -16.92 16.28
C GLU A 155 7.38 -17.99 15.30
N PRO A 156 7.62 -19.27 15.58
CA PRO A 156 7.05 -20.34 14.76
C PRO A 156 5.54 -20.10 14.60
N LEU A 157 4.96 -20.57 13.50
CA LEU A 157 3.51 -20.45 13.24
C LEU A 157 2.83 -21.66 13.87
N GLU A 158 1.55 -21.50 14.25
CA GLU A 158 0.70 -22.62 14.77
C GLU A 158 0.84 -23.77 13.78
N THR A 159 0.98 -24.98 14.31
CA THR A 159 1.21 -26.24 13.55
C THR A 159 -0.05 -26.63 12.77
N ILE A 160 -1.19 -25.98 13.05
CA ILE A 160 -2.48 -26.17 12.33
C ILE A 160 -2.41 -25.52 10.94
N ILE A 161 -1.56 -24.51 10.75
CA ILE A 161 -1.50 -23.68 9.51
C ILE A 161 -0.99 -24.56 8.35
N ARG A 162 -1.61 -24.45 7.18
CA ARG A 162 -1.27 -25.24 5.97
C ARG A 162 -1.08 -24.32 4.75
N LEU A 163 -1.69 -23.13 4.75
CA LEU A 163 -1.62 -22.12 3.68
C LEU A 163 -1.71 -20.72 4.29
N VAL A 164 -0.72 -19.86 4.02
CA VAL A 164 -0.64 -18.43 4.47
C VAL A 164 -0.15 -17.58 3.28
N LEU A 165 -0.78 -16.43 3.06
CA LEU A 165 -0.55 -15.56 1.88
C LEU A 165 0.22 -14.33 2.36
N LEU A 166 1.42 -14.11 1.80
CA LEU A 166 2.40 -13.08 2.24
C LEU A 166 2.50 -11.99 1.17
N ASN A 167 2.54 -10.71 1.60
CA ASN A 167 2.71 -9.55 0.68
C ASN A 167 3.38 -8.42 1.44
N ALA A 168 4.64 -8.17 1.12
CA ALA A 168 5.46 -7.04 1.58
C ALA A 168 5.91 -6.32 0.30
N ILE A 169 6.00 -5.00 0.35
CA ILE A 169 6.40 -4.17 -0.82
C ILE A 169 7.10 -2.91 -0.31
N TYR A 170 8.11 -2.44 -1.04
CA TYR A 170 8.86 -1.21 -0.67
C TYR A 170 8.89 -0.33 -1.90
N PHE A 171 8.60 0.95 -1.73
CA PHE A 171 8.64 1.96 -2.83
C PHE A 171 9.93 2.77 -2.72
N LYS A 172 10.73 2.81 -3.79
CA LYS A 172 11.95 3.63 -3.85
C LYS A 172 11.80 4.68 -4.95
N GLY A 173 12.24 5.88 -4.65
CA GLY A 173 12.04 7.05 -5.52
C GLY A 173 12.74 8.27 -4.96
N THR A 174 12.90 9.25 -5.83
CA THR A 174 13.56 10.54 -5.53
C THR A 174 12.56 11.63 -5.87
N TRP A 175 12.45 12.63 -4.99
CA TRP A 175 11.64 13.84 -5.28
C TRP A 175 12.09 14.43 -6.62
N ASP A 176 11.14 14.89 -7.44
CA ASP A 176 11.44 15.66 -8.66
C ASP A 176 12.14 16.95 -8.24
N THR A 177 11.69 17.58 -7.14
CA THR A 177 12.37 18.73 -6.50
C THR A 177 12.88 18.27 -5.13
N VAL A 178 14.19 18.12 -4.94
CA VAL A 178 14.77 17.65 -3.65
C VAL A 178 14.66 18.81 -2.66
N PHE A 179 14.41 18.52 -1.39
CA PHE A 179 14.41 19.55 -0.31
C PHE A 179 15.87 19.82 0.03
N ASP A 180 16.19 21.05 0.39
CA ASP A 180 17.55 21.44 0.81
C ASP A 180 17.67 21.10 2.29
N GLN A 181 18.52 20.12 2.63
CA GLN A 181 18.77 19.65 4.01
C GLN A 181 19.12 20.83 4.96
N ARG A 182 19.78 21.88 4.49
CA ARG A 182 20.16 23.08 5.29
C ARG A 182 18.92 23.80 5.86
N LEU A 183 17.74 23.59 5.26
CA LEU A 183 16.48 24.27 5.69
C LEU A 183 15.65 23.39 6.60
N THR A 184 16.00 22.11 6.78
CA THR A 184 15.35 21.18 7.74
C THR A 184 15.64 21.68 9.17
N THR A 185 14.63 21.72 10.03
CA THR A 185 14.73 22.22 11.42
C THR A 185 13.73 21.44 12.27
N LYS A 186 13.92 21.48 13.60
CA LYS A 186 12.94 20.97 14.59
C LYS A 186 11.74 21.92 14.58
N LYS A 187 10.54 21.37 14.41
CA LYS A 187 9.26 22.13 14.42
C LYS A 187 8.24 21.29 15.16
N PRO A 188 7.28 21.94 15.86
CA PRO A 188 6.18 21.22 16.50
C PRO A 188 5.32 20.49 15.44
N PHE A 189 4.95 19.24 15.76
CA PHE A 189 3.89 18.47 15.07
C PHE A 189 2.86 18.09 16.13
N MET A 190 1.61 18.53 15.94
CA MET A 190 0.51 18.28 16.90
C MET A 190 -0.02 16.87 16.63
N ASN A 191 0.33 15.94 17.52
CA ASN A 191 -0.16 14.54 17.48
C ASN A 191 -1.69 14.59 17.65
N ALA A 192 -2.36 13.45 17.47
CA ALA A 192 -3.83 13.31 17.58
C ALA A 192 -4.25 13.31 19.06
N CYS A 193 -3.34 12.99 19.99
CA CYS A 193 -3.58 13.09 21.47
C CYS A 193 -3.41 14.54 21.94
N SER A 194 -3.23 15.49 21.02
CA SER A 194 -3.31 16.96 21.23
C SER A 194 -2.13 17.45 22.08
N THR A 195 -1.12 16.60 22.29
CA THR A 195 0.24 17.00 22.73
C THR A 195 1.09 17.31 21.49
N PRO A 196 1.83 18.45 21.45
CA PRO A 196 2.84 18.67 20.42
C PRO A 196 4.12 17.86 20.69
N THR A 197 4.74 17.38 19.61
CA THR A 197 6.07 16.71 19.62
C THR A 197 6.97 17.47 18.64
N GLU A 198 8.29 17.52 18.90
CA GLU A 198 9.27 18.21 18.04
C GLU A 198 9.82 17.21 17.02
N VAL A 199 9.73 17.50 15.72
CA VAL A 199 10.16 16.57 14.63
C VAL A 199 11.01 17.33 13.60
N ASP A 200 11.99 16.64 13.02
CA ASP A 200 12.77 17.12 11.85
C ASP A 200 11.74 17.43 10.77
N THR A 201 11.66 18.70 10.37
CA THR A 201 10.67 19.25 9.43
C THR A 201 11.41 19.85 8.24
N MET A 202 11.22 19.25 7.06
CA MET A 202 11.77 19.74 5.78
C MET A 202 10.99 20.97 5.33
N ARG A 203 11.64 21.86 4.60
CA ARG A 203 11.08 23.14 4.11
C ARG A 203 11.59 23.39 2.69
N GLY A 204 10.67 23.69 1.76
CA GLY A 204 11.00 23.94 0.34
C GLY A 204 9.95 24.81 -0.30
N GLU A 205 10.37 25.78 -1.12
CA GLU A 205 9.52 26.48 -2.10
C GLU A 205 9.45 25.57 -3.32
N VAL A 206 8.43 24.72 -3.40
CA VAL A 206 8.43 23.56 -4.34
C VAL A 206 7.18 23.63 -5.21
N TYR A 207 7.38 23.45 -6.51
CA TYR A 207 6.29 23.29 -7.50
C TYR A 207 5.62 21.95 -7.19
N VAL A 208 4.32 22.05 -6.95
CA VAL A 208 3.44 20.90 -6.69
C VAL A 208 2.13 21.19 -7.41
N ARG A 209 1.27 20.19 -7.51
CA ARG A 209 -0.15 20.46 -7.83
C ARG A 209 -0.91 20.65 -6.52
N HIS A 210 -1.62 21.75 -6.36
CA HIS A 210 -2.24 22.19 -5.09
C HIS A 210 -3.65 22.73 -5.33
N LYS A 211 -4.57 22.47 -4.41
CA LYS A 211 -5.84 23.20 -4.29
C LYS A 211 -6.30 23.18 -2.83
N SER A 212 -6.84 24.30 -2.38
CA SER A 212 -7.61 24.42 -1.13
C SER A 212 -9.09 24.11 -1.39
N PHE A 213 -9.71 23.27 -0.55
CA PHE A 213 -11.16 22.91 -0.56
C PHE A 213 -11.79 23.23 0.80
N PRO A 214 -11.98 24.53 1.15
CA PRO A 214 -12.51 24.90 2.47
C PRO A 214 -13.86 24.26 2.84
N LEU A 215 -14.73 23.98 1.86
CA LEU A 215 -16.09 23.40 2.09
C LEU A 215 -15.97 21.95 2.57
N LEU A 216 -14.92 21.26 2.12
CA LEU A 216 -14.64 19.84 2.47
C LEU A 216 -13.64 19.80 3.64
N GLY A 217 -13.15 20.96 4.07
CA GLY A 217 -12.17 21.08 5.17
C GLY A 217 -10.87 20.34 4.88
N VAL A 218 -10.36 20.49 3.67
CA VAL A 218 -9.13 19.77 3.22
C VAL A 218 -8.37 20.70 2.29
N ASP A 219 -7.07 20.76 2.50
CA ASP A 219 -6.08 21.35 1.58
C ASP A 219 -5.28 20.18 1.03
N ILE A 220 -5.00 20.18 -0.27
CA ILE A 220 -4.37 19.02 -0.95
C ILE A 220 -3.19 19.55 -1.74
N ALA A 221 -2.06 18.86 -1.63
CA ALA A 221 -0.84 19.11 -2.43
C ALA A 221 -0.33 17.76 -2.91
N GLU A 222 -0.05 17.64 -4.21
CA GLU A 222 0.53 16.42 -4.83
C GLU A 222 2.01 16.67 -5.09
N ILE A 223 2.89 15.91 -4.44
CA ILE A 223 4.36 16.13 -4.50
C ILE A 223 4.97 15.06 -5.40
N PRO A 224 5.42 15.42 -6.62
CA PRO A 224 5.81 14.43 -7.61
C PRO A 224 7.22 13.88 -7.30
N TYR A 225 7.39 12.59 -7.58
CA TYR A 225 8.71 11.93 -7.70
C TYR A 225 9.28 12.22 -9.10
N ARG A 226 10.59 12.06 -9.22
CA ARG A 226 11.36 12.29 -10.47
C ARG A 226 10.80 11.37 -11.54
N GLY A 227 10.44 11.93 -12.70
CA GLY A 227 9.81 11.20 -13.81
C GLY A 227 8.35 11.57 -13.91
N MET A 228 7.81 12.18 -12.86
CA MET A 228 6.39 12.60 -12.75
C MET A 228 5.41 11.41 -12.80
N ASP A 229 5.86 10.15 -12.85
CA ASP A 229 4.94 8.98 -13.01
C ASP A 229 4.45 8.51 -11.64
N TYR A 230 5.10 8.91 -10.55
CA TYR A 230 4.65 8.67 -9.17
C TYR A 230 4.64 10.01 -8.41
N SER A 231 3.77 10.08 -7.41
CA SER A 231 3.54 11.25 -6.53
C SER A 231 3.13 10.79 -5.13
N MET A 232 3.28 11.70 -4.18
CA MET A 232 2.68 11.59 -2.82
C MET A 232 1.60 12.65 -2.77
N THR A 233 0.34 12.24 -2.60
CA THR A 233 -0.82 13.18 -2.50
C THR A 233 -1.15 13.30 -1.02
N ILE A 234 -0.96 14.49 -0.48
CA ILE A 234 -1.18 14.76 0.97
C ILE A 234 -2.51 15.50 1.13
N LEU A 235 -3.38 14.94 1.96
CA LEU A 235 -4.70 15.53 2.30
C LEU A 235 -4.58 16.02 3.73
N LEU A 236 -4.46 17.32 3.89
CA LEU A 236 -4.24 18.02 5.19
C LEU A 236 -5.55 18.65 5.64
N PRO A 237 -6.19 18.11 6.69
CA PRO A 237 -7.45 18.65 7.19
C PRO A 237 -7.31 20.11 7.65
N THR A 238 -8.28 20.97 7.30
CA THR A 238 -8.30 22.39 7.73
C THR A 238 -8.27 22.45 9.25
N ARG A 239 -9.02 21.59 9.92
CA ARG A 239 -9.05 21.49 11.41
C ARG A 239 -7.91 20.57 11.88
N ILE A 240 -7.28 20.92 13.00
CA ILE A 240 -6.15 20.14 13.58
C ILE A 240 -6.64 18.73 13.90
N ASP A 241 -7.93 18.55 14.12
CA ASP A 241 -8.52 17.27 14.59
C ASP A 241 -9.38 16.64 13.48
N GLY A 242 -9.18 17.09 12.24
CA GLY A 242 -10.12 16.83 11.13
C GLY A 242 -9.90 15.50 10.43
N ALA A 243 -8.91 14.70 10.85
CA ALA A 243 -8.42 13.56 10.03
C ALA A 243 -9.48 12.46 10.00
N GLU A 244 -10.10 12.15 11.13
CA GLU A 244 -11.07 11.01 11.18
C GLU A 244 -12.29 11.39 10.32
N VAL A 245 -12.77 12.63 10.39
CA VAL A 245 -13.95 13.06 9.58
C VAL A 245 -13.57 12.99 8.10
N LEU A 246 -12.39 13.50 7.76
CA LEU A 246 -11.88 13.49 6.37
C LEU A 246 -11.80 12.05 5.87
N LYS A 247 -11.14 11.16 6.61
CA LYS A 247 -11.01 9.75 6.20
C LYS A 247 -12.40 9.14 5.96
N ARG A 248 -13.37 9.39 6.85
CA ARG A 248 -14.76 8.87 6.68
C ARG A 248 -15.39 9.46 5.41
N ASN A 249 -15.11 10.72 5.10
CA ASN A 249 -15.75 11.43 3.96
C ASN A 249 -15.13 10.98 2.63
N ILE A 250 -13.84 10.61 2.61
CA ILE A 250 -13.12 10.30 1.34
C ILE A 250 -13.74 9.04 0.74
N THR A 251 -13.90 9.03 -0.57
CA THR A 251 -14.33 7.86 -1.37
C THR A 251 -13.39 7.78 -2.55
N GLU A 252 -13.37 6.65 -3.23
CA GLU A 252 -12.55 6.50 -4.45
C GLU A 252 -12.99 7.57 -5.47
N HIS A 253 -14.30 7.80 -5.64
CA HIS A 253 -14.80 8.73 -6.69
C HIS A 253 -14.43 10.18 -6.29
N LEU A 254 -14.67 10.54 -5.04
CA LEU A 254 -14.38 11.90 -4.55
C LEU A 254 -12.87 12.19 -4.67
N LEU A 255 -12.00 11.28 -4.22
CA LEU A 255 -10.53 11.47 -4.30
C LEU A 255 -10.13 11.78 -5.75
N GLN A 256 -10.66 11.03 -6.74
CA GLN A 256 -10.39 11.22 -8.19
C GLN A 256 -10.87 12.62 -8.62
N ASP A 257 -12.06 13.05 -8.19
CA ASP A 257 -12.59 14.40 -8.54
C ASP A 257 -11.69 15.48 -7.90
N LEU A 258 -11.18 15.26 -6.69
CA LEU A 258 -10.36 16.29 -5.99
C LEU A 258 -9.01 16.41 -6.71
N VAL A 259 -8.38 15.29 -7.04
CA VAL A 259 -7.00 15.26 -7.63
C VAL A 259 -6.98 15.93 -9.00
N LYS A 260 -8.02 15.72 -9.81
CA LYS A 260 -8.21 16.31 -11.16
C LYS A 260 -8.17 17.84 -11.11
N GLN A 261 -8.57 18.46 -10.00
CA GLN A 261 -8.75 19.94 -9.90
C GLN A 261 -7.47 20.61 -9.39
N LEU A 262 -6.49 19.83 -8.93
CA LEU A 262 -5.21 20.41 -8.41
C LEU A 262 -4.55 21.22 -9.54
N VAL A 263 -4.06 22.41 -9.19
CA VAL A 263 -3.38 23.34 -10.14
C VAL A 263 -1.89 23.38 -9.84
N GLU A 264 -1.04 23.35 -10.86
CA GLU A 264 0.44 23.52 -10.70
C GLU A 264 0.70 24.89 -10.04
N GLN A 265 1.50 24.90 -8.98
CA GLN A 265 1.69 26.11 -8.17
C GLN A 265 2.94 25.92 -7.30
N GLN A 266 3.68 27.00 -7.08
CA GLN A 266 4.81 27.01 -6.12
C GLN A 266 4.24 27.35 -4.75
N VAL A 267 4.59 26.52 -3.78
CA VAL A 267 4.03 26.53 -2.41
C VAL A 267 5.20 26.38 -1.44
N THR A 268 5.09 26.95 -0.26
CA THR A 268 6.02 26.65 0.86
C THR A 268 5.49 25.39 1.54
N VAL A 269 6.20 24.26 1.34
CA VAL A 269 5.87 22.96 1.98
C VAL A 269 6.70 22.83 3.27
N TYR A 270 6.03 22.52 4.38
CA TYR A 270 6.65 22.01 5.65
C TYR A 270 6.25 20.54 5.78
N LEU A 271 7.22 19.63 5.70
CA LEU A 271 6.93 18.18 5.68
C LEU A 271 7.81 17.45 6.67
N PRO A 272 7.25 16.89 7.77
CA PRO A 272 8.06 16.12 8.71
C PRO A 272 8.73 14.98 7.96
N LYS A 273 9.93 14.60 8.40
CA LYS A 273 10.69 13.44 7.89
C LYS A 273 10.13 12.17 8.53
N PHE A 274 8.86 11.85 8.28
CA PHE A 274 8.11 10.83 9.07
C PHE A 274 8.54 9.40 8.67
N LYS A 275 8.39 8.47 9.61
CA LYS A 275 8.70 7.03 9.40
C LYS A 275 7.48 6.19 9.79
N LEU A 276 7.10 5.25 8.93
CA LEU A 276 6.00 4.31 9.18
C LEU A 276 6.55 2.90 9.04
N GLU A 277 6.13 2.02 9.94
CA GLU A 277 6.40 0.57 9.87
C GLU A 277 5.16 -0.14 10.42
N THR A 278 4.50 -0.91 9.56
CA THR A 278 3.21 -1.54 9.88
C THR A 278 3.24 -2.99 9.42
N GLU A 279 2.49 -3.83 10.13
CA GLU A 279 2.18 -5.25 9.81
C GLU A 279 0.69 -5.47 10.06
N TYR A 280 0.04 -6.30 9.27
CA TYR A 280 -1.38 -6.63 9.46
C TYR A 280 -1.54 -8.12 9.22
N LEU A 281 -2.26 -8.78 10.13
CA LEU A 281 -2.99 -10.06 9.89
C LEU A 281 -4.39 -9.66 9.44
N LEU A 282 -4.70 -9.77 8.15
CA LEU A 282 -5.85 -9.06 7.52
C LEU A 282 -7.17 -9.87 7.57
N LYS A 283 -7.16 -11.14 8.02
CA LYS A 283 -8.31 -12.07 7.89
C LYS A 283 -9.61 -11.43 8.38
N ASP A 284 -9.63 -10.79 9.56
CA ASP A 284 -10.89 -10.34 10.18
C ASP A 284 -11.42 -9.14 9.37
N HIS A 285 -10.52 -8.29 8.89
CA HIS A 285 -10.89 -7.05 8.14
C HIS A 285 -11.47 -7.46 6.79
N LEU A 286 -10.96 -8.53 6.20
CA LEU A 286 -11.41 -9.08 4.89
C LEU A 286 -12.76 -9.76 5.11
N LYS A 287 -12.93 -10.48 6.23
CA LYS A 287 -14.23 -11.08 6.58
C LYS A 287 -15.28 -9.96 6.56
N LYS A 288 -15.01 -8.86 7.27
CA LYS A 288 -15.95 -7.70 7.40
C LYS A 288 -16.28 -7.09 6.01
N LEU A 289 -15.51 -7.37 4.97
CA LEU A 289 -15.78 -6.86 3.60
C LEU A 289 -16.47 -7.93 2.76
N GLY A 290 -16.86 -9.07 3.36
CA GLY A 290 -17.61 -10.15 2.70
C GLY A 290 -16.75 -11.27 2.15
N ILE A 291 -15.44 -11.26 2.42
CA ILE A 291 -14.49 -12.33 2.00
C ILE A 291 -14.36 -13.32 3.17
N ASN A 292 -14.96 -14.51 3.07
CA ASN A 292 -15.12 -15.44 4.22
C ASN A 292 -14.72 -16.87 3.84
N ARG A 293 -15.21 -17.38 2.73
CA ARG A 293 -15.11 -18.83 2.40
C ARG A 293 -13.63 -19.25 2.34
N ILE A 294 -12.74 -18.42 1.74
CA ILE A 294 -11.30 -18.78 1.57
C ILE A 294 -10.66 -19.08 2.94
N PHE A 295 -11.25 -18.60 4.04
CA PHE A 295 -10.71 -18.75 5.43
C PHE A 295 -11.41 -19.86 6.23
N GLY A 296 -12.38 -20.56 5.62
CA GLY A 296 -13.32 -21.45 6.33
C GLY A 296 -13.07 -22.92 6.04
N SER A 297 -13.52 -23.79 6.93
CA SER A 297 -13.59 -25.27 6.72
C SER A 297 -14.52 -25.54 5.53
N GLY A 298 -14.17 -26.52 4.67
CA GLY A 298 -14.90 -26.83 3.43
C GLY A 298 -14.75 -25.73 2.39
N ALA A 299 -13.69 -24.92 2.48
CA ALA A 299 -13.22 -24.01 1.43
C ALA A 299 -12.77 -24.83 0.22
N ASP A 300 -13.23 -24.52 -0.98
CA ASP A 300 -12.90 -25.32 -2.18
C ASP A 300 -11.62 -24.76 -2.82
N PHE A 301 -10.51 -25.50 -2.67
CA PHE A 301 -9.16 -25.17 -3.17
C PHE A 301 -8.65 -26.29 -4.07
N SER A 302 -9.55 -26.84 -4.90
CA SER A 302 -9.24 -27.84 -5.96
C SER A 302 -8.50 -27.16 -7.11
N GLY A 303 -8.17 -25.86 -6.94
CA GLY A 303 -7.32 -25.08 -7.86
C GLY A 303 -5.85 -25.20 -7.49
N ILE A 304 -5.56 -25.43 -6.19
CA ILE A 304 -4.21 -25.64 -5.59
C ILE A 304 -3.89 -27.14 -5.54
N THR A 305 -4.76 -27.92 -4.89
CA THR A 305 -4.53 -29.36 -4.57
C THR A 305 -5.80 -30.20 -4.77
N HIS A 306 -5.68 -31.34 -5.45
CA HIS A 306 -6.77 -32.34 -5.63
C HIS A 306 -6.80 -33.33 -4.45
N ASP A 307 -5.98 -33.13 -3.41
CA ASP A 307 -5.82 -34.14 -2.33
C ASP A 307 -5.40 -33.50 -0.99
N ALA A 308 -6.16 -32.51 -0.49
CA ALA A 308 -6.14 -32.04 0.92
C ALA A 308 -7.22 -30.97 1.15
N ASN A 309 -7.65 -30.79 2.40
CA ASN A 309 -8.63 -29.74 2.81
C ASN A 309 -7.85 -28.47 3.19
N LEU A 310 -7.57 -27.62 2.20
CA LEU A 310 -6.86 -26.33 2.41
C LEU A 310 -7.85 -25.24 2.81
N ALA A 311 -7.49 -24.46 3.82
CA ALA A 311 -7.98 -23.08 4.02
C ALA A 311 -6.78 -22.12 4.15
N VAL A 312 -6.94 -20.88 3.68
CA VAL A 312 -6.04 -19.73 3.95
C VAL A 312 -6.11 -19.45 5.44
N SER A 313 -4.98 -19.52 6.13
CA SER A 313 -4.90 -19.20 7.57
C SER A 313 -5.07 -17.68 7.73
N ASP A 314 -4.42 -16.90 6.87
CA ASP A 314 -4.37 -15.43 6.98
C ASP A 314 -3.68 -14.81 5.76
N VAL A 315 -3.82 -13.50 5.63
CA VAL A 315 -3.16 -12.64 4.61
C VAL A 315 -2.26 -11.71 5.40
N VAL A 316 -0.94 -11.92 5.28
CA VAL A 316 0.07 -11.22 6.13
C VAL A 316 0.69 -10.15 5.27
N HIS A 317 0.60 -8.91 5.71
CA HIS A 317 1.03 -7.70 5.00
C HIS A 317 1.97 -6.92 5.90
N LYS A 318 3.09 -6.45 5.35
CA LYS A 318 4.07 -5.65 6.11
C LYS A 318 4.67 -4.62 5.15
N THR A 319 4.86 -3.41 5.64
CA THR A 319 5.47 -2.35 4.80
C THR A 319 6.11 -1.31 5.71
N VAL A 320 6.84 -0.40 5.10
CA VAL A 320 7.78 0.52 5.80
C VAL A 320 8.06 1.65 4.81
N LEU A 321 8.22 2.86 5.35
CA LEU A 321 8.49 4.11 4.59
C LEU A 321 9.26 5.08 5.50
N GLU A 322 10.21 5.81 4.93
CA GLU A 322 10.82 7.00 5.56
C GLU A 322 10.74 8.14 4.56
N VAL A 323 10.52 9.36 5.02
CA VAL A 323 10.58 10.58 4.17
C VAL A 323 11.91 11.28 4.44
N HIS A 324 12.64 11.60 3.39
CA HIS A 324 13.93 12.34 3.43
C HIS A 324 13.91 13.45 2.39
N GLU A 325 14.97 14.27 2.39
CA GLU A 325 15.06 15.47 1.50
C GLU A 325 15.17 15.04 0.04
N ALA A 326 15.71 13.84 -0.21
CA ALA A 326 15.99 13.31 -1.55
C ALA A 326 14.80 12.48 -2.05
N GLY A 327 13.98 11.99 -1.12
CA GLY A 327 12.79 11.15 -1.37
C GLY A 327 12.62 10.07 -0.32
N THR A 328 12.74 8.81 -0.74
CA THR A 328 12.47 7.59 0.05
C THR A 328 13.68 7.24 0.91
N GLU A 329 14.88 7.59 0.45
CA GLU A 329 16.18 7.10 0.99
C GLU A 329 16.96 8.26 1.60
N ALA A 330 17.64 8.02 2.72
CA ALA A 330 18.48 9.02 3.40
C ALA A 330 19.60 9.39 2.43
N ALA A 331 19.79 10.68 2.20
CA ALA A 331 20.85 11.12 1.27
C ALA A 331 20.79 10.25 0.02
N GLY A 332 19.73 10.41 -0.79
CA GLY A 332 19.55 9.73 -2.10
C GLY A 332 19.67 10.69 -3.28
N ALA A 333 20.18 11.91 -3.05
CA ALA A 333 20.34 12.98 -4.06
C ALA A 333 21.26 14.09 -3.52
N THR A 334 22.11 14.64 -4.39
CA THR A 334 23.28 15.49 -4.02
C THR A 334 23.20 16.87 -4.69
N GLY A 335 22.41 17.02 -5.76
CA GLY A 335 22.05 18.31 -6.39
C GLY A 335 20.83 18.91 -5.72
N VAL A 336 20.59 20.22 -5.89
CA VAL A 336 19.52 21.00 -5.18
C VAL A 336 19.34 22.35 -5.88
N ILE A 337 18.14 22.92 -5.80
CA ILE A 337 17.86 24.29 -6.34
C ILE A 337 17.63 25.20 -5.14
N ILE A 338 18.56 26.12 -4.89
CA ILE A 338 18.41 27.19 -3.86
C ILE A 338 17.50 28.27 -4.46
N VAL A 339 16.28 28.37 -3.95
CA VAL A 339 15.22 29.25 -4.50
C VAL A 339 15.30 30.63 -3.82
N ALA A 340 15.25 31.70 -4.61
CA ALA A 340 15.09 33.09 -4.13
C ALA A 340 13.71 33.26 -3.50
N GLU A 341 13.58 34.07 -2.46
CA GLU A 341 12.25 34.49 -1.93
C GLU A 341 11.35 35.04 -3.06
N SER A 342 10.12 34.53 -3.16
CA SER A 342 8.97 35.13 -3.90
C SER A 342 8.64 36.49 -3.27
N LEU A 343 8.22 37.46 -4.10
CA LEU A 343 7.93 38.86 -3.70
C LEU A 343 6.48 39.23 -4.02
N VAL A 344 5.66 38.24 -4.37
CA VAL A 344 4.25 38.45 -4.85
C VAL A 344 3.29 37.69 -3.94
N GLU A 345 3.57 36.40 -3.70
CA GLU A 345 2.77 35.53 -2.81
C GLU A 345 3.44 34.16 -2.82
N SER A 346 3.21 33.40 -1.75
CA SER A 346 3.55 31.97 -1.66
C SER A 346 2.55 31.33 -0.69
N VAL A 347 1.70 30.43 -1.20
CA VAL A 347 0.87 29.50 -0.39
C VAL A 347 1.78 28.71 0.56
N GLU A 348 1.30 28.47 1.77
CA GLU A 348 1.92 27.58 2.77
C GLU A 348 1.09 26.29 2.81
N PHE A 349 1.75 25.15 2.64
CA PHE A 349 1.21 23.80 2.94
C PHE A 349 2.06 23.24 4.08
N ARG A 350 1.60 23.44 5.32
CA ARG A 350 2.33 23.09 6.58
C ARG A 350 1.74 21.82 7.18
N VAL A 351 2.41 20.68 7.01
CA VAL A 351 1.94 19.36 7.49
C VAL A 351 2.42 19.22 8.94
N ASP A 352 1.64 19.75 9.87
CA ASP A 352 1.99 19.88 11.31
C ASP A 352 0.85 19.32 12.18
N HIS A 353 -0.03 18.53 11.61
CA HIS A 353 -1.13 17.88 12.36
C HIS A 353 -1.56 16.64 11.57
N PRO A 354 -2.30 15.70 12.19
CA PRO A 354 -2.62 14.46 11.51
C PRO A 354 -3.17 14.72 10.10
N PHE A 355 -2.86 13.80 9.19
CA PHE A 355 -3.06 14.00 7.72
C PHE A 355 -3.18 12.61 7.10
N ILE A 356 -3.73 12.54 5.91
CA ILE A 356 -3.87 11.28 5.13
C ILE A 356 -3.06 11.45 3.84
N PHE A 357 -2.45 10.41 3.30
CA PHE A 357 -1.69 10.54 2.04
C PHE A 357 -1.83 9.25 1.24
N PHE A 358 -1.56 9.38 -0.05
CA PHE A 358 -1.62 8.30 -1.06
C PHE A 358 -0.35 8.43 -1.91
N ILE A 359 0.39 7.35 -2.06
CA ILE A 359 1.40 7.24 -3.14
C ILE A 359 0.71 6.55 -4.32
N ARG A 360 0.64 7.25 -5.46
CA ARG A 360 -0.06 6.79 -6.68
C ARG A 360 0.90 6.80 -7.87
N ASN A 361 0.65 5.91 -8.82
CA ASN A 361 1.15 6.02 -10.21
C ASN A 361 0.22 7.00 -10.95
N THR A 362 0.71 8.17 -11.35
CA THR A 362 -0.11 9.27 -11.93
C THR A 362 -0.61 8.89 -13.34
N GLN A 363 0.05 7.96 -14.06
CA GLN A 363 -0.37 7.49 -15.41
C GLN A 363 -1.53 6.48 -15.26
N THR A 364 -1.27 5.35 -14.61
CA THR A 364 -2.24 4.22 -14.42
C THR A 364 -3.33 4.59 -13.41
N LYS A 365 -3.04 5.48 -12.45
CA LYS A 365 -3.96 5.92 -11.37
C LYS A 365 -4.03 4.89 -10.22
N ASP A 366 -3.26 3.80 -10.30
CA ASP A 366 -3.12 2.82 -9.20
C ASP A 366 -2.67 3.51 -7.93
N ILE A 367 -3.37 3.24 -6.83
CA ILE A 367 -2.95 3.64 -5.45
C ILE A 367 -2.02 2.53 -4.94
N LEU A 368 -0.74 2.84 -4.79
CA LEU A 368 0.24 1.86 -4.27
C LEU A 368 0.23 1.87 -2.75
N PHE A 369 0.09 3.04 -2.14
CA PHE A 369 0.12 3.15 -0.67
C PHE A 369 -0.94 4.13 -0.22
N VAL A 370 -1.57 3.78 0.90
CA VAL A 370 -2.52 4.59 1.70
C VAL A 370 -1.84 4.83 3.07
N GLY A 371 -1.87 6.07 3.53
CA GLY A 371 -1.28 6.43 4.81
C GLY A 371 -2.17 7.36 5.61
N GLN A 372 -2.16 7.17 6.92
CA GLN A 372 -2.72 8.14 7.89
C GLN A 372 -1.68 8.32 9.00
N VAL A 373 -1.25 9.54 9.23
CA VAL A 373 -0.24 9.86 10.27
C VAL A 373 -0.99 10.59 11.39
N ASN A 374 -1.15 9.94 12.55
CA ASN A 374 -1.82 10.52 13.74
C ASN A 374 -0.75 10.96 14.75
N HIS A 375 0.46 10.43 14.63
CA HIS A 375 1.41 10.39 15.76
C HIS A 375 2.83 10.23 15.24
N LEU A 376 3.64 11.27 15.39
CA LEU A 376 5.12 11.16 15.26
C LEU A 376 5.78 11.31 16.64
#